data_1U95
#
_entry.id   1U95
#
_cell.length_a   57.700
_cell.length_b   64.900
_cell.length_c   175.900
_cell.angle_alpha   90.00
_cell.angle_beta   90.00
_cell.angle_gamma   90.00
#
_symmetry.space_group_name_H-M   'P 21 21 21'
#
loop_
_entity.id
_entity.type
_entity.pdbx_description
1 polymer 'ANTIBODY 2F5 (LIGHT CHAIN)'
2 polymer 'ANTIBODY 2F5 (HEAVY CHAIN)'
3 polymer 'GP41 PEPTIDE'
4 water water
#
loop_
_entity_poly.entity_id
_entity_poly.type
_entity_poly.pdbx_seq_one_letter_code
_entity_poly.pdbx_strand_id
1 'polypeptide(L)'
;ALQLTQSPSSLSASVGDRITITCRASQGVTSALAWYRQKPGSPPQLLIYDASSLESGVPSRFSGSGSGTEFTLTISTLRP
EDFATYYCQQLHFYPHTFGGGTRVDVRRTVAAPSVFIFPPSDEQLKSGTASVVCLLNNFYPREAKVQWKVDNALQSGNSQ
ESVTEQDSKDSTYSLSSTLTLSKADYEKHKVYECEVTHQGLSSPVTKSFNRGEC
;
A
2 'polypeptide(L)'
;RITLKESGPPLVKPTQTLTLTCSFSGFSLSDFGVGVGWIRQPPGKALEWLAIIYSDDDKRYSPSLNTRLTITKDTSKNQV
VLVMTRVSPVDTATYFCAHRRGPTTLFGVPIARGPVNAMDVWGQGITVTISSTSTKGPSVFPLAPSSKSTAGAAAALGCL
VKDYFPEPVTVSWNSGALTSGVHTFPAVLQSSGLYSLSSVVTVPSSSLGTQTYTCNVNHKPSNTKVDKRVEPKSC
;
B
3 'polypeptide(L)' ELDHWAS C
#
# COMPACT_ATOMS: atom_id res chain seq x y z
N ALA A 1 -14.05 4.01 -18.56
CA ALA A 1 -12.88 3.86 -19.48
C ALA A 1 -12.35 2.43 -19.65
N LEU A 2 -11.22 2.35 -20.35
CA LEU A 2 -10.50 1.12 -20.64
C LEU A 2 -10.12 0.41 -19.34
N GLN A 3 -10.32 -0.89 -19.31
CA GLN A 3 -10.02 -1.67 -18.14
C GLN A 3 -8.83 -2.60 -18.39
N LEU A 4 -7.92 -2.69 -17.43
CA LEU A 4 -6.75 -3.59 -17.49
C LEU A 4 -6.83 -4.50 -16.30
N THR A 5 -7.05 -5.77 -16.55
CA THR A 5 -7.19 -6.73 -15.46
C THR A 5 -5.97 -7.65 -15.36
N GLN A 6 -5.27 -7.66 -14.22
CA GLN A 6 -4.09 -8.56 -14.09
C GLN A 6 -4.49 -9.89 -13.49
N SER A 7 -3.82 -10.97 -13.84
CA SER A 7 -4.09 -12.26 -13.19
C SER A 7 -2.77 -12.96 -13.02
N PRO A 8 -2.56 -13.61 -11.84
CA PRO A 8 -3.55 -13.62 -10.76
C PRO A 8 -3.26 -12.37 -9.98
N SER A 9 -4.13 -12.00 -9.06
CA SER A 9 -3.85 -10.83 -8.28
C SER A 9 -2.68 -11.11 -7.30
N SER A 10 -2.57 -12.36 -6.85
CA SER A 10 -1.51 -12.74 -5.92
C SER A 10 -0.96 -14.10 -6.38
N LEU A 11 0.30 -14.39 -6.12
CA LEU A 11 0.88 -15.62 -6.61
C LEU A 11 1.99 -16.02 -5.72
N SER A 12 2.05 -17.31 -5.35
CA SER A 12 3.18 -17.75 -4.48
C SER A 12 4.18 -18.55 -5.32
N ALA A 13 5.46 -18.46 -4.98
CA ALA A 13 6.47 -19.14 -5.76
C ALA A 13 7.74 -19.28 -5.00
N SER A 14 8.69 -20.04 -5.54
CA SER A 14 9.95 -20.22 -4.87
C SER A 14 11.08 -19.83 -5.83
N VAL A 15 12.25 -19.53 -5.27
CA VAL A 15 13.41 -19.16 -6.05
C VAL A 15 13.63 -20.31 -7.08
N GLY A 16 13.88 -19.93 -8.33
CA GLY A 16 14.06 -20.91 -9.37
C GLY A 16 12.77 -21.18 -10.12
N ASP A 17 11.61 -20.81 -9.62
CA ASP A 17 10.44 -21.11 -10.43
C ASP A 17 10.30 -20.22 -11.70
N ARG A 18 9.40 -20.64 -12.58
CA ARG A 18 9.08 -19.91 -13.77
C ARG A 18 7.69 -19.41 -13.48
N ILE A 19 7.46 -18.10 -13.56
CA ILE A 19 6.10 -17.63 -13.33
C ILE A 19 5.65 -16.80 -14.50
N THR A 20 4.35 -16.68 -14.67
CA THR A 20 3.92 -15.87 -15.75
C THR A 20 2.72 -15.16 -15.20
N ILE A 21 2.67 -13.85 -15.46
CA ILE A 21 1.62 -12.95 -15.00
C ILE A 21 0.93 -12.51 -16.27
N THR A 22 -0.37 -12.40 -16.25
CA THR A 22 -1.03 -11.95 -17.47
C THR A 22 -1.87 -10.68 -17.28
N CYS A 23 -2.07 -9.91 -18.34
CA CYS A 23 -2.81 -8.66 -18.24
C CYS A 23 -3.72 -8.58 -19.46
N ARG A 24 -5.00 -8.36 -19.24
CA ARG A 24 -5.98 -8.33 -20.32
C ARG A 24 -6.65 -6.96 -20.37
N ALA A 25 -6.78 -6.42 -21.57
CA ALA A 25 -7.39 -5.11 -21.73
C ALA A 25 -8.81 -5.23 -22.28
N SER A 26 -9.69 -4.32 -21.86
CA SER A 26 -11.09 -4.36 -22.34
C SER A 26 -11.28 -4.01 -23.81
N GLN A 27 -10.33 -3.28 -24.40
CA GLN A 27 -10.32 -2.89 -25.82
C GLN A 27 -8.86 -3.05 -26.22
N GLY A 28 -8.59 -3.25 -27.50
CA GLY A 28 -7.21 -3.45 -27.95
C GLY A 28 -6.31 -2.24 -27.74
N VAL A 29 -5.11 -2.47 -27.25
CA VAL A 29 -4.13 -1.41 -27.00
C VAL A 29 -2.90 -1.60 -27.89
N THR A 30 -3.05 -2.35 -28.98
CA THR A 30 -1.95 -2.62 -29.90
C THR A 30 -0.77 -3.15 -29.09
N SER A 31 0.45 -2.63 -29.30
CA SER A 31 1.59 -3.11 -28.52
C SER A 31 2.01 -2.11 -27.42
N ALA A 32 1.16 -1.10 -27.17
CA ALA A 32 1.52 -0.05 -26.21
C ALA A 32 1.26 -0.48 -24.77
N LEU A 33 2.13 -1.34 -24.27
CA LEU A 33 1.96 -1.88 -22.95
C LEU A 33 3.29 -2.06 -22.29
N ALA A 34 3.37 -1.72 -21.02
CA ALA A 34 4.64 -1.84 -20.33
C ALA A 34 4.49 -2.63 -19.04
N TRP A 35 5.56 -3.34 -18.64
CA TRP A 35 5.54 -4.07 -17.38
C TRP A 35 6.53 -3.49 -16.43
N TYR A 36 6.17 -3.47 -15.14
CA TYR A 36 7.06 -2.93 -14.09
C TYR A 36 7.10 -3.86 -12.90
N ARG A 37 8.19 -3.79 -12.18
CA ARG A 37 8.35 -4.55 -10.96
C ARG A 37 8.54 -3.50 -9.87
N GLN A 38 7.83 -3.63 -8.76
CA GLN A 38 8.00 -2.65 -7.68
C GLN A 38 8.27 -3.39 -6.39
N LYS A 39 9.39 -3.11 -5.80
CA LYS A 39 9.76 -3.73 -4.55
C LYS A 39 9.25 -2.83 -3.44
N PRO A 40 8.95 -3.42 -2.28
CA PRO A 40 8.45 -2.58 -1.18
C PRO A 40 9.35 -1.36 -0.92
N GLY A 41 8.71 -0.24 -0.63
CA GLY A 41 9.45 1.00 -0.37
C GLY A 41 10.15 1.69 -1.55
N SER A 42 10.07 1.11 -2.75
CA SER A 42 10.74 1.70 -3.89
C SER A 42 9.76 2.05 -5.02
N PRO A 43 10.22 2.87 -5.99
CA PRO A 43 9.35 3.22 -7.11
C PRO A 43 9.25 2.03 -8.09
N PRO A 44 8.25 2.02 -8.95
CA PRO A 44 8.18 0.91 -9.90
C PRO A 44 9.41 0.97 -10.82
N GLN A 45 9.88 -0.18 -11.33
CA GLN A 45 11.02 -0.16 -12.25
C GLN A 45 10.56 -0.81 -13.55
N LEU A 46 10.86 -0.15 -14.65
CA LEU A 46 10.52 -0.61 -16.00
C LEU A 46 11.25 -1.92 -16.34
N LEU A 47 10.53 -2.94 -16.77
CA LEU A 47 11.14 -4.22 -17.17
C LEU A 47 11.03 -4.37 -18.68
N ILE A 48 9.82 -4.21 -19.21
CA ILE A 48 9.47 -4.45 -20.61
C ILE A 48 8.64 -3.29 -21.12
N TYR A 49 9.03 -2.74 -22.27
CA TYR A 49 8.29 -1.65 -22.93
C TYR A 49 7.78 -2.12 -24.28
N ASP A 50 6.72 -1.48 -24.76
CA ASP A 50 6.18 -1.84 -26.09
C ASP A 50 5.89 -3.35 -26.15
N ALA A 51 5.20 -3.87 -25.11
CA ALA A 51 4.80 -5.31 -24.98
C ALA A 51 5.87 -6.37 -24.92
N SER A 52 6.95 -6.21 -25.66
CA SER A 52 7.94 -7.25 -25.62
C SER A 52 9.39 -6.82 -25.63
N SER A 53 9.69 -5.51 -25.74
CA SER A 53 11.10 -5.11 -25.80
C SER A 53 11.74 -5.13 -24.40
N LEU A 54 12.95 -5.68 -24.28
CA LEU A 54 13.58 -5.75 -23.00
C LEU A 54 14.23 -4.42 -22.71
N GLU A 55 13.89 -3.82 -21.58
CA GLU A 55 14.48 -2.53 -21.22
C GLU A 55 15.95 -2.73 -20.92
N SER A 56 16.74 -1.73 -21.32
CA SER A 56 18.18 -1.78 -21.13
C SER A 56 18.61 -1.91 -19.66
N GLY A 57 19.44 -2.92 -19.38
CA GLY A 57 19.91 -3.11 -18.03
C GLY A 57 19.02 -4.04 -17.24
N VAL A 58 17.92 -4.49 -17.86
CA VAL A 58 17.03 -5.40 -17.19
C VAL A 58 17.47 -6.85 -17.50
N PRO A 59 17.56 -7.68 -16.46
CA PRO A 59 18.00 -9.09 -16.69
C PRO A 59 17.16 -9.89 -17.66
N SER A 60 17.86 -10.72 -18.43
CA SER A 60 17.23 -11.50 -19.47
C SER A 60 16.19 -12.53 -19.01
N ARG A 61 16.15 -12.88 -17.73
CA ARG A 61 15.09 -13.82 -17.32
C ARG A 61 13.70 -13.22 -17.47
N PHE A 62 13.62 -11.91 -17.71
CA PHE A 62 12.29 -11.29 -17.86
C PHE A 62 11.92 -11.26 -19.30
N SER A 63 10.69 -11.64 -19.58
CA SER A 63 10.25 -11.65 -20.94
C SER A 63 8.79 -11.22 -21.08
N GLY A 64 8.50 -10.47 -22.13
CA GLY A 64 7.11 -10.09 -22.33
C GLY A 64 6.63 -10.42 -23.73
N SER A 65 5.39 -10.91 -23.86
CA SER A 65 4.81 -11.20 -25.15
C SER A 65 3.31 -10.80 -25.21
N GLY A 66 2.72 -10.86 -26.40
CA GLY A 66 1.33 -10.51 -26.60
C GLY A 66 1.14 -9.13 -27.24
N SER A 67 -0.08 -8.88 -27.73
CA SER A 67 -0.48 -7.59 -28.33
C SER A 67 -2.03 -7.56 -28.38
N GLY A 68 -2.65 -6.41 -28.65
CA GLY A 68 -4.11 -6.39 -28.68
C GLY A 68 -4.75 -6.32 -27.29
N THR A 69 -5.31 -7.43 -26.81
CA THR A 69 -5.96 -7.44 -25.51
C THR A 69 -5.37 -8.40 -24.50
N GLU A 70 -4.37 -9.15 -24.88
CA GLU A 70 -3.81 -10.10 -23.93
C GLU A 70 -2.30 -10.11 -23.90
N PHE A 71 -1.71 -9.87 -22.72
CA PHE A 71 -0.28 -9.79 -22.57
C PHE A 71 0.17 -10.63 -21.40
N THR A 72 1.41 -11.08 -21.47
CA THR A 72 2.00 -11.90 -20.44
C THR A 72 3.46 -11.50 -20.19
N LEU A 73 3.84 -11.58 -18.92
CA LEU A 73 5.20 -11.31 -18.46
C LEU A 73 5.64 -12.66 -17.90
N THR A 74 6.79 -13.16 -18.28
CA THR A 74 7.19 -14.35 -17.62
C THR A 74 8.56 -14.13 -17.10
N ILE A 75 8.83 -14.65 -15.91
CA ILE A 75 10.14 -14.54 -15.34
C ILE A 75 10.51 -16.02 -15.42
N SER A 76 11.60 -16.32 -16.13
CA SER A 76 11.92 -17.73 -16.34
C SER A 76 12.52 -18.44 -15.13
N THR A 77 13.42 -17.77 -14.40
CA THR A 77 14.03 -18.33 -13.20
C THR A 77 13.95 -17.29 -12.08
N LEU A 78 12.89 -17.35 -11.26
CA LEU A 78 12.70 -16.39 -10.16
C LEU A 78 13.88 -16.23 -9.23
N ARG A 79 14.33 -15.00 -9.01
CA ARG A 79 15.44 -14.72 -8.10
C ARG A 79 14.83 -14.05 -6.83
N PRO A 80 15.56 -14.01 -5.68
CA PRO A 80 15.00 -13.40 -4.47
C PRO A 80 14.47 -11.96 -4.64
N GLU A 81 15.15 -11.15 -5.44
CA GLU A 81 14.68 -9.80 -5.67
C GLU A 81 13.37 -9.71 -6.44
N ASP A 82 12.86 -10.83 -6.96
CA ASP A 82 11.63 -10.82 -7.72
C ASP A 82 10.37 -10.97 -6.89
N PHE A 83 10.54 -11.15 -5.59
CA PHE A 83 9.40 -11.29 -4.70
C PHE A 83 9.01 -9.84 -4.61
N ALA A 84 7.87 -9.52 -5.21
CA ALA A 84 7.52 -8.12 -5.29
C ALA A 84 6.16 -8.06 -5.92
N THR A 85 5.75 -6.83 -6.25
CA THR A 85 4.45 -6.63 -6.93
C THR A 85 4.72 -6.13 -8.36
N TYR A 86 4.05 -6.73 -9.33
CA TYR A 86 4.22 -6.38 -10.72
C TYR A 86 3.01 -5.66 -11.26
N TYR A 87 3.24 -4.68 -12.11
CA TYR A 87 2.13 -3.96 -12.73
C TYR A 87 2.23 -3.86 -14.22
N CYS A 88 1.11 -3.90 -14.94
CA CYS A 88 1.18 -3.64 -16.39
C CYS A 88 0.56 -2.25 -16.57
N GLN A 89 0.92 -1.55 -17.64
CA GLN A 89 0.41 -0.20 -17.97
C GLN A 89 0.15 -0.09 -19.48
N GLN A 90 -1.00 0.42 -19.80
CA GLN A 90 -1.43 0.59 -21.16
C GLN A 90 -1.13 2.08 -21.52
N LEU A 91 -0.59 2.34 -22.72
CA LEU A 91 -0.29 3.71 -23.18
C LEU A 91 -0.86 4.05 -24.58
N HIS A 92 -1.87 3.32 -24.98
CA HIS A 92 -2.53 3.52 -26.28
C HIS A 92 -3.66 4.55 -26.20
N PHE A 93 -4.38 4.56 -25.07
CA PHE A 93 -5.52 5.47 -24.84
C PHE A 93 -5.32 6.25 -23.57
N TYR A 94 -5.80 7.51 -23.54
CA TYR A 94 -5.74 8.32 -22.33
C TYR A 94 -7.06 8.00 -21.63
N PRO A 95 -7.01 7.86 -20.31
CA PRO A 95 -5.81 7.94 -19.47
C PRO A 95 -5.00 6.64 -19.62
N HIS A 96 -3.69 6.77 -19.41
CA HIS A 96 -2.72 5.67 -19.48
C HIS A 96 -2.80 4.69 -18.30
N THR A 97 -3.86 3.93 -18.21
CA THR A 97 -4.13 2.93 -17.15
C THR A 97 -3.11 1.93 -16.67
N PHE A 98 -3.20 1.62 -15.39
CA PHE A 98 -2.36 0.61 -14.78
C PHE A 98 -3.25 -0.54 -14.37
N GLY A 99 -2.73 -1.75 -14.39
CA GLY A 99 -3.49 -2.88 -13.89
C GLY A 99 -3.50 -2.87 -12.35
N GLY A 100 -4.24 -3.79 -11.74
CA GLY A 100 -4.36 -3.82 -10.28
C GLY A 100 -3.16 -4.35 -9.58
N GLY A 101 -2.21 -4.88 -10.33
CA GLY A 101 -1.02 -5.41 -9.68
C GLY A 101 -1.08 -6.90 -9.32
N THR A 102 0.06 -7.59 -9.33
CA THR A 102 0.04 -8.94 -8.86
C THR A 102 1.22 -9.09 -7.93
N ARG A 103 0.93 -9.52 -6.71
CA ARG A 103 1.91 -9.70 -5.62
C ARG A 103 2.56 -11.08 -5.75
N VAL A 104 3.87 -11.15 -5.74
CA VAL A 104 4.50 -12.45 -5.86
C VAL A 104 5.21 -12.61 -4.52
N ASP A 105 4.85 -13.65 -3.76
CA ASP A 105 5.48 -13.85 -2.45
C ASP A 105 6.05 -15.30 -2.27
N VAL A 106 6.84 -15.49 -1.23
CA VAL A 106 7.52 -16.76 -0.96
C VAL A 106 6.50 -17.85 -0.64
N ARG A 107 6.46 -18.93 -1.41
CA ARG A 107 5.51 -20.00 -1.13
C ARG A 107 5.96 -20.78 0.11
N ARG A 108 5.00 -21.30 0.87
CA ARG A 108 5.29 -22.12 2.05
C ARG A 108 4.00 -22.87 2.23
N THR A 109 3.99 -23.77 3.20
CA THR A 109 2.82 -24.61 3.45
C THR A 109 1.68 -23.78 4.04
N VAL A 110 0.45 -24.16 3.73
CA VAL A 110 -0.69 -23.48 4.25
C VAL A 110 -0.66 -23.53 5.77
N ALA A 111 -0.94 -22.38 6.40
CA ALA A 111 -1.00 -22.28 7.84
C ALA A 111 -2.17 -21.42 8.22
N ALA A 112 -3.08 -21.98 9.04
CA ALA A 112 -4.26 -21.26 9.51
C ALA A 112 -3.82 -20.24 10.53
N PRO A 113 -4.59 -19.17 10.67
CA PRO A 113 -4.20 -18.15 11.67
C PRO A 113 -4.57 -18.56 13.09
N SER A 114 -3.82 -18.09 14.07
CA SER A 114 -4.18 -18.32 15.48
C SER A 114 -4.99 -17.02 15.68
N VAL A 115 -6.23 -17.12 16.11
CA VAL A 115 -7.07 -15.95 16.28
C VAL A 115 -7.27 -15.61 17.74
N PHE A 116 -7.26 -14.31 18.05
CA PHE A 116 -7.44 -13.77 19.40
C PHE A 116 -8.33 -12.53 19.33
N ILE A 117 -9.22 -12.34 20.33
CA ILE A 117 -10.08 -11.19 20.39
C ILE A 117 -9.81 -10.45 21.68
N PHE A 118 -9.65 -9.13 21.58
CA PHE A 118 -9.32 -8.34 22.73
C PHE A 118 -10.42 -7.34 22.99
N PRO A 119 -10.97 -7.33 24.22
CA PRO A 119 -12.05 -6.36 24.54
C PRO A 119 -11.42 -5.01 24.80
N PRO A 120 -12.21 -3.95 24.78
CA PRO A 120 -11.57 -2.66 25.04
C PRO A 120 -11.17 -2.52 26.51
N SER A 121 -10.07 -1.81 26.75
CA SER A 121 -9.60 -1.58 28.12
C SER A 121 -10.56 -0.62 28.85
N ASP A 122 -10.66 -0.82 30.16
CA ASP A 122 -11.47 0.05 31.00
C ASP A 122 -10.91 1.43 30.89
N GLU A 123 -9.60 1.54 30.66
CA GLU A 123 -8.99 2.86 30.55
C GLU A 123 -9.54 3.58 29.31
N GLN A 124 -9.65 2.87 28.19
CA GLN A 124 -10.17 3.52 26.98
C GLN A 124 -11.64 3.89 27.22
N LEU A 125 -12.41 2.93 27.71
CA LEU A 125 -13.84 3.17 27.98
C LEU A 125 -14.12 4.50 28.75
N LYS A 126 -13.28 4.82 29.74
CA LYS A 126 -13.42 6.07 30.50
C LYS A 126 -13.29 7.29 29.62
N SER A 127 -12.64 7.15 28.47
CA SER A 127 -12.50 8.30 27.58
C SER A 127 -13.67 8.36 26.62
N GLY A 128 -14.58 7.40 26.73
CA GLY A 128 -15.75 7.39 25.86
C GLY A 128 -15.70 6.59 24.57
N THR A 129 -14.57 5.96 24.26
CA THR A 129 -14.53 5.17 23.03
C THR A 129 -14.22 3.70 23.35
N ALA A 130 -14.61 2.82 22.45
CA ALA A 130 -14.39 1.42 22.65
C ALA A 130 -13.80 0.79 21.42
N SER A 131 -12.58 0.26 21.57
CA SER A 131 -11.92 -0.43 20.45
C SER A 131 -11.86 -1.92 20.68
N VAL A 132 -12.40 -2.70 19.75
CA VAL A 132 -12.32 -4.12 19.92
C VAL A 132 -11.35 -4.57 18.84
N VAL A 133 -10.27 -5.25 19.25
CA VAL A 133 -9.30 -5.70 18.26
C VAL A 133 -9.26 -7.20 18.11
N CYS A 134 -9.07 -7.62 16.87
CA CYS A 134 -9.00 -9.03 16.53
C CYS A 134 -7.67 -9.26 15.91
N LEU A 135 -6.97 -10.31 16.34
CA LEU A 135 -5.69 -10.61 15.76
C LEU A 135 -5.70 -11.97 15.08
N LEU A 136 -5.15 -12.03 13.86
CA LEU A 136 -4.97 -13.25 13.09
C LEU A 136 -3.47 -13.32 13.01
N ASN A 137 -2.88 -14.30 13.72
CA ASN A 137 -1.44 -14.42 13.79
C ASN A 137 -0.78 -15.53 12.95
N ASN A 138 0.31 -15.20 12.27
CA ASN A 138 1.07 -16.15 11.44
C ASN A 138 0.26 -17.11 10.53
N PHE A 139 -0.39 -16.58 9.49
CA PHE A 139 -1.14 -17.46 8.59
C PHE A 139 -0.56 -17.39 7.16
N TYR A 140 -1.05 -18.26 6.29
CA TYR A 140 -0.59 -18.30 4.88
C TYR A 140 -1.56 -19.21 4.12
N PRO A 141 -1.98 -18.82 2.92
CA PRO A 141 -1.64 -17.60 2.19
C PRO A 141 -2.22 -16.29 2.78
N ARG A 142 -1.82 -15.17 2.19
CA ARG A 142 -2.23 -13.88 2.66
C ARG A 142 -3.72 -13.56 2.74
N GLU A 143 -4.52 -14.06 1.83
CA GLU A 143 -5.91 -13.71 1.86
C GLU A 143 -6.64 -14.28 3.10
N ALA A 144 -7.36 -13.40 3.80
CA ALA A 144 -8.08 -13.77 4.99
C ALA A 144 -9.26 -12.84 5.02
N LYS A 145 -10.36 -13.25 5.64
CA LYS A 145 -11.52 -12.40 5.74
C LYS A 145 -12.01 -12.39 7.20
N VAL A 146 -12.16 -11.18 7.71
CA VAL A 146 -12.58 -10.92 9.07
C VAL A 146 -13.94 -10.28 9.01
N GLN A 147 -14.86 -10.84 9.78
CA GLN A 147 -16.22 -10.30 9.86
C GLN A 147 -16.62 -10.03 11.33
N TRP A 148 -16.89 -8.79 11.67
CA TRP A 148 -17.30 -8.49 13.03
C TRP A 148 -18.80 -8.67 13.18
N LYS A 149 -19.19 -9.24 14.33
CA LYS A 149 -20.60 -9.42 14.65
C LYS A 149 -20.80 -8.95 16.10
N VAL A 150 -21.84 -8.19 16.33
CA VAL A 150 -22.20 -7.68 17.64
C VAL A 150 -23.64 -8.19 17.89
N ASP A 151 -23.86 -8.97 18.94
CA ASP A 151 -25.21 -9.52 19.21
C ASP A 151 -25.79 -10.02 17.86
N ASN A 152 -24.95 -10.73 17.10
CA ASN A 152 -25.31 -11.28 15.81
C ASN A 152 -25.55 -10.36 14.66
N ALA A 153 -25.39 -9.05 14.87
CA ALA A 153 -25.57 -8.14 13.75
C ALA A 153 -24.23 -8.06 13.05
N LEU A 154 -24.29 -8.14 11.73
CA LEU A 154 -23.11 -8.07 10.89
C LEU A 154 -22.60 -6.62 10.92
N GLN A 155 -21.34 -6.40 11.24
CA GLN A 155 -20.86 -5.01 11.29
C GLN A 155 -20.31 -4.53 9.94
N SER A 156 -20.45 -3.24 9.67
CA SER A 156 -19.92 -2.76 8.43
C SER A 156 -19.58 -1.27 8.51
N GLY A 157 -18.46 -0.88 7.96
CA GLY A 157 -18.07 0.51 7.94
C GLY A 157 -17.48 1.03 9.22
N ASN A 158 -17.33 0.18 10.23
CA ASN A 158 -16.79 0.65 11.52
C ASN A 158 -15.52 -0.09 12.01
N SER A 159 -14.79 -0.69 11.06
CA SER A 159 -13.59 -1.41 11.40
C SER A 159 -12.49 -1.08 10.39
N GLN A 160 -11.25 -1.30 10.80
CA GLN A 160 -10.12 -1.07 9.90
C GLN A 160 -9.12 -2.14 10.19
N GLU A 161 -8.41 -2.57 9.16
CA GLU A 161 -7.40 -3.61 9.34
C GLU A 161 -6.11 -3.28 8.59
N SER A 162 -5.01 -3.86 9.08
CA SER A 162 -3.74 -3.74 8.42
C SER A 162 -3.03 -5.11 8.51
N VAL A 163 -2.14 -5.39 7.56
CA VAL A 163 -1.46 -6.68 7.46
C VAL A 163 0.06 -6.45 7.48
N THR A 164 0.81 -7.27 8.19
CA THR A 164 2.25 -7.12 8.17
C THR A 164 2.84 -7.56 6.82
N GLU A 165 4.08 -7.24 6.55
CA GLU A 165 4.72 -7.71 5.33
C GLU A 165 5.09 -9.19 5.63
N GLN A 166 5.26 -10.00 4.58
CA GLN A 166 5.60 -11.42 4.75
C GLN A 166 6.77 -11.56 5.67
N ASP A 167 6.70 -12.44 6.65
CA ASP A 167 7.81 -12.58 7.60
C ASP A 167 9.03 -13.22 6.90
N SER A 168 10.23 -12.67 7.05
CA SER A 168 11.42 -13.22 6.39
C SER A 168 11.87 -14.62 6.87
N LYS A 169 11.41 -15.07 8.03
CA LYS A 169 11.77 -16.39 8.53
C LYS A 169 10.62 -17.41 8.37
N ASP A 170 9.42 -16.98 8.74
CA ASP A 170 8.16 -17.72 8.71
C ASP A 170 7.51 -17.88 7.35
N SER A 171 7.58 -16.78 6.60
CA SER A 171 6.87 -16.64 5.31
C SER A 171 5.39 -16.50 5.56
N THR A 172 4.99 -16.21 6.80
CA THR A 172 3.57 -16.07 7.13
C THR A 172 3.20 -14.57 7.25
N TYR A 173 1.92 -14.26 7.34
CA TYR A 173 1.45 -12.88 7.51
C TYR A 173 0.66 -12.84 8.81
N SER A 174 0.44 -11.65 9.32
CA SER A 174 -0.40 -11.46 10.50
C SER A 174 -1.34 -10.28 10.17
N LEU A 175 -2.52 -10.30 10.75
CA LEU A 175 -3.49 -9.25 10.45
C LEU A 175 -4.19 -8.76 11.74
N SER A 176 -4.28 -7.44 11.86
CA SER A 176 -4.92 -6.81 12.97
C SER A 176 -6.15 -6.09 12.50
N SER A 177 -7.32 -6.37 13.11
CA SER A 177 -8.51 -5.63 12.76
C SER A 177 -9.14 -4.95 14.00
N THR A 178 -9.38 -3.64 13.91
CA THR A 178 -9.99 -2.88 14.98
C THR A 178 -11.46 -2.48 14.71
N LEU A 179 -12.38 -2.91 15.60
CA LEU A 179 -13.79 -2.49 15.54
C LEU A 179 -13.88 -1.30 16.52
N THR A 180 -14.41 -0.15 16.06
CA THR A 180 -14.51 1.01 16.92
C THR A 180 -15.96 1.48 17.14
N LEU A 181 -16.35 1.69 18.39
CA LEU A 181 -17.71 2.11 18.68
C LEU A 181 -17.65 3.12 19.80
N SER A 182 -18.67 3.95 19.92
CA SER A 182 -18.70 4.84 21.06
C SER A 182 -18.89 3.97 22.34
N LYS A 183 -18.51 4.50 23.49
CA LYS A 183 -18.69 3.77 24.72
C LYS A 183 -20.16 3.47 24.83
N ALA A 184 -21.01 4.47 24.53
CA ALA A 184 -22.46 4.24 24.62
C ALA A 184 -22.95 3.04 23.82
N ASP A 185 -22.66 3.00 22.53
CA ASP A 185 -23.09 1.87 21.69
C ASP A 185 -22.50 0.59 22.24
N TYR A 186 -21.25 0.67 22.64
CA TYR A 186 -20.60 -0.50 23.16
C TYR A 186 -21.44 -1.11 24.26
N GLU A 187 -21.88 -0.26 25.17
CA GLU A 187 -22.65 -0.68 26.34
C GLU A 187 -24.01 -1.25 26.00
N LYS A 188 -24.52 -0.96 24.82
CA LYS A 188 -25.83 -1.47 24.46
C LYS A 188 -25.84 -2.88 23.91
N HIS A 189 -24.72 -3.60 23.98
CA HIS A 189 -24.70 -4.95 23.40
C HIS A 189 -23.87 -5.90 24.25
N LYS A 190 -23.97 -7.20 24.01
CA LYS A 190 -23.19 -8.11 24.83
C LYS A 190 -22.18 -9.00 24.11
N VAL A 191 -22.59 -9.66 23.03
CA VAL A 191 -21.68 -10.58 22.33
C VAL A 191 -20.88 -9.92 21.21
N TYR A 192 -19.58 -9.75 21.41
CA TYR A 192 -18.68 -9.17 20.44
C TYR A 192 -17.92 -10.32 19.83
N GLU A 193 -18.06 -10.52 18.52
CA GLU A 193 -17.44 -11.64 17.83
C GLU A 193 -16.63 -11.27 16.61
N CYS A 194 -15.51 -11.96 16.44
CA CYS A 194 -14.62 -11.79 15.29
C CYS A 194 -14.65 -13.15 14.54
N GLU A 195 -15.28 -13.15 13.37
CA GLU A 195 -15.37 -14.35 12.54
C GLU A 195 -14.28 -14.37 11.49
N VAL A 196 -13.53 -15.47 11.39
CA VAL A 196 -12.42 -15.50 10.46
C VAL A 196 -12.47 -16.60 9.42
N THR A 197 -12.33 -16.24 8.14
CA THR A 197 -12.34 -17.24 7.07
C THR A 197 -10.95 -17.25 6.47
N HIS A 198 -10.44 -18.45 6.23
CA HIS A 198 -9.11 -18.58 5.67
C HIS A 198 -8.95 -19.95 5.07
N GLN A 199 -8.10 -20.05 4.08
CA GLN A 199 -7.91 -21.31 3.42
C GLN A 199 -7.50 -22.46 4.34
N GLY A 200 -6.69 -22.16 5.35
CA GLY A 200 -6.26 -23.22 6.26
C GLY A 200 -7.28 -23.63 7.31
N LEU A 201 -8.46 -23.04 7.29
CA LEU A 201 -9.44 -23.38 8.29
C LEU A 201 -10.55 -24.14 7.60
N SER A 202 -10.79 -25.36 8.08
CA SER A 202 -11.86 -26.21 7.55
C SER A 202 -13.15 -25.38 7.40
N SER A 203 -13.52 -24.64 8.43
CA SER A 203 -14.72 -23.80 8.33
C SER A 203 -14.31 -22.60 9.17
N PRO A 204 -15.09 -21.51 9.10
CA PRO A 204 -14.83 -20.27 9.82
C PRO A 204 -14.69 -20.43 11.33
N VAL A 205 -13.73 -19.73 11.89
CA VAL A 205 -13.56 -19.82 13.31
C VAL A 205 -14.07 -18.51 13.91
N THR A 206 -14.74 -18.60 15.05
CA THR A 206 -15.20 -17.40 15.69
C THR A 206 -14.62 -17.29 17.12
N LYS A 207 -14.09 -16.12 17.45
CA LYS A 207 -13.57 -15.84 18.78
C LYS A 207 -14.44 -14.72 19.28
N SER A 208 -14.94 -14.86 20.51
CA SER A 208 -15.78 -13.84 21.08
C SER A 208 -15.78 -13.78 22.58
N PHE A 209 -16.47 -12.75 23.09
CA PHE A 209 -16.64 -12.51 24.48
C PHE A 209 -17.97 -11.79 24.74
N ASN A 210 -18.44 -11.88 25.98
CA ASN A 210 -19.65 -11.18 26.33
C ASN A 210 -19.18 -10.00 27.15
N ARG A 211 -19.62 -8.82 26.76
CA ARG A 211 -19.21 -7.61 27.44
C ARG A 211 -19.65 -7.64 28.90
N GLY A 212 -18.79 -7.09 29.75
CA GLY A 212 -19.08 -7.02 31.16
C GLY A 212 -19.12 -8.34 31.92
N GLU A 213 -19.05 -9.47 31.22
CA GLU A 213 -19.07 -10.71 31.94
C GLU A 213 -17.81 -10.70 32.81
N CYS A 214 -17.96 -10.95 34.10
CA CYS A 214 -16.82 -10.91 35.01
C CYS A 214 -16.71 -12.11 35.93
N ARG B 1 22.60 9.69 -17.91
CA ARG B 1 21.77 9.20 -16.75
C ARG B 1 20.63 10.19 -16.41
N ILE B 2 19.43 9.64 -16.46
CA ILE B 2 18.25 10.39 -16.16
C ILE B 2 17.84 10.20 -14.72
N THR B 3 17.58 11.28 -14.02
CA THR B 3 17.08 11.11 -12.67
C THR B 3 15.96 12.16 -12.48
N LEU B 4 14.97 11.82 -11.67
CA LEU B 4 13.88 12.73 -11.33
C LEU B 4 13.69 12.67 -9.84
N LYS B 5 13.22 13.77 -9.27
CA LYS B 5 12.92 13.86 -7.85
C LYS B 5 11.75 14.82 -7.55
N GLU B 6 10.80 14.29 -6.76
CA GLU B 6 9.63 15.02 -6.38
C GLU B 6 9.84 15.86 -5.11
N SER B 7 9.22 17.05 -5.04
CA SER B 7 9.30 17.82 -3.80
C SER B 7 7.95 18.54 -3.60
N GLY B 8 7.63 18.86 -2.35
CA GLY B 8 6.40 19.57 -2.01
C GLY B 8 6.11 19.33 -0.52
N PRO B 9 4.94 19.75 -0.03
CA PRO B 9 4.60 19.56 1.37
C PRO B 9 4.23 18.11 1.75
N PRO B 10 4.74 17.59 2.88
CA PRO B 10 4.39 16.22 3.25
C PRO B 10 3.00 16.15 3.82
N LEU B 11 2.54 17.27 4.33
CA LEU B 11 1.24 17.33 4.95
C LEU B 11 0.39 18.41 4.37
N VAL B 12 -0.87 18.10 4.10
CA VAL B 12 -1.76 19.11 3.59
C VAL B 12 -3.12 18.91 4.16
N LYS B 13 -3.84 20.00 4.39
CA LYS B 13 -5.19 19.93 4.96
C LYS B 13 -6.28 19.91 3.90
N PRO B 14 -7.39 19.24 4.18
CA PRO B 14 -8.52 19.12 3.30
C PRO B 14 -8.92 20.52 2.83
N THR B 15 -9.44 20.57 1.60
CA THR B 15 -9.85 21.74 0.81
C THR B 15 -8.65 22.52 0.32
N GLN B 16 -7.47 22.28 0.88
CA GLN B 16 -6.33 23.05 0.41
C GLN B 16 -5.82 22.63 -0.97
N THR B 17 -4.90 23.45 -1.49
CA THR B 17 -4.27 23.22 -2.76
C THR B 17 -2.86 22.65 -2.58
N LEU B 18 -2.59 21.59 -3.32
CA LEU B 18 -1.32 20.89 -3.29
C LEU B 18 -0.56 21.11 -4.56
N THR B 19 0.67 21.61 -4.42
CA THR B 19 1.58 21.89 -5.52
C THR B 19 2.80 20.98 -5.35
N LEU B 20 3.04 20.15 -6.35
CA LEU B 20 4.14 19.20 -6.35
C LEU B 20 5.06 19.57 -7.51
N THR B 21 6.37 19.53 -7.23
CA THR B 21 7.37 19.84 -8.21
C THR B 21 8.26 18.61 -8.54
N CYS B 22 8.49 18.39 -9.83
CA CYS B 22 9.35 17.32 -10.28
C CYS B 22 10.54 18.03 -10.86
N SER B 23 11.73 17.86 -10.29
CA SER B 23 12.96 18.51 -10.82
C SER B 23 13.73 17.34 -11.42
N PHE B 24 14.26 17.48 -12.64
CA PHE B 24 14.96 16.36 -13.24
C PHE B 24 16.29 16.78 -13.89
N SER B 25 17.11 15.80 -14.28
CA SER B 25 18.39 16.08 -14.97
C SER B 25 18.61 14.92 -15.95
N GLY B 26 19.47 15.11 -16.96
CA GLY B 26 19.70 14.06 -17.95
C GLY B 26 18.86 14.20 -19.23
N PHE B 27 17.90 15.11 -19.26
CA PHE B 27 17.12 15.29 -20.49
C PHE B 27 16.52 16.70 -20.41
N SER B 28 15.98 17.19 -21.50
CA SER B 28 15.41 18.50 -21.45
C SER B 28 13.98 18.37 -21.90
N LEU B 29 13.06 19.18 -21.37
CA LEU B 29 11.71 19.09 -21.82
C LEU B 29 11.59 19.83 -23.12
N SER B 30 12.72 20.10 -23.77
CA SER B 30 12.67 20.68 -25.06
C SER B 30 13.16 19.57 -26.03
N ASP B 31 13.52 18.40 -25.49
CA ASP B 31 13.97 17.36 -26.41
C ASP B 31 12.75 16.83 -27.16
N PHE B 32 12.95 16.33 -28.37
CA PHE B 32 11.86 15.86 -29.19
C PHE B 32 10.96 14.79 -28.58
N GLY B 33 9.67 15.06 -28.57
CA GLY B 33 8.64 14.16 -28.06
C GLY B 33 8.73 13.66 -26.63
N VAL B 34 9.64 14.21 -25.84
CA VAL B 34 9.74 13.73 -24.46
C VAL B 34 8.51 14.08 -23.61
N GLY B 35 8.18 13.24 -22.63
CA GLY B 35 7.08 13.50 -21.71
C GLY B 35 7.52 13.30 -20.26
N VAL B 36 6.76 13.93 -19.36
CA VAL B 36 6.98 13.78 -17.94
C VAL B 36 5.53 13.59 -17.43
N GLY B 37 5.28 12.54 -16.67
CA GLY B 37 3.94 12.25 -16.18
C GLY B 37 4.00 12.13 -14.66
N TRP B 38 2.84 12.03 -14.03
CA TRP B 38 2.68 11.93 -12.61
C TRP B 38 1.78 10.72 -12.36
N ILE B 39 2.15 9.92 -11.37
CA ILE B 39 1.40 8.72 -11.02
C ILE B 39 1.34 8.69 -9.46
N ARG B 40 0.26 8.22 -8.87
CA ARG B 40 0.22 8.25 -7.39
C ARG B 40 -0.08 6.84 -6.90
N GLN B 41 0.14 6.63 -5.62
CA GLN B 41 -0.07 5.30 -5.05
C GLN B 41 -0.53 5.43 -3.59
N PRO B 42 -1.84 5.31 -3.32
CA PRO B 42 -2.32 5.42 -1.93
C PRO B 42 -1.69 4.24 -1.14
N PRO B 43 -1.44 4.40 0.17
CA PRO B 43 -0.81 3.25 0.85
C PRO B 43 -1.53 1.90 0.68
N GLY B 44 -0.76 0.88 0.35
CA GLY B 44 -1.31 -0.43 0.13
C GLY B 44 -2.10 -0.60 -1.15
N LYS B 45 -2.31 0.47 -1.93
CA LYS B 45 -3.09 0.34 -3.16
C LYS B 45 -2.24 0.25 -4.48
N ALA B 46 -2.93 0.18 -5.60
CA ALA B 46 -2.37 0.10 -6.95
C ALA B 46 -1.90 1.47 -7.45
N LEU B 47 -1.15 1.49 -8.54
CA LEU B 47 -0.68 2.74 -9.11
C LEU B 47 -1.86 3.38 -9.82
N GLU B 48 -1.91 4.71 -9.78
CA GLU B 48 -2.98 5.41 -10.47
C GLU B 48 -2.39 6.58 -11.31
N TRP B 49 -2.67 6.56 -12.60
CA TRP B 49 -2.13 7.54 -13.52
C TRP B 49 -2.84 8.88 -13.31
N LEU B 50 -2.10 9.99 -13.28
CA LEU B 50 -2.69 11.31 -13.06
C LEU B 50 -2.66 12.29 -14.24
N ALA B 51 -1.51 12.38 -14.90
CA ALA B 51 -1.38 13.35 -15.97
C ALA B 51 -0.02 13.25 -16.65
N ILE B 52 0.12 13.90 -17.78
CA ILE B 52 1.43 13.89 -18.41
C ILE B 52 1.53 15.14 -19.24
N ILE B 53 2.75 15.62 -19.44
CA ILE B 53 2.98 16.80 -20.29
C ILE B 53 4.17 16.50 -21.20
N TYR B 54 4.07 16.93 -22.46
CA TYR B 54 5.16 16.71 -23.43
C TYR B 54 5.91 17.99 -23.73
N SER B 55 7.10 17.85 -24.32
CA SER B 55 7.91 18.99 -24.66
C SER B 55 7.21 19.95 -25.67
N ASP B 56 6.32 19.49 -26.54
CA ASP B 56 5.60 20.40 -27.44
C ASP B 56 4.41 21.04 -26.69
N ASP B 57 4.36 20.79 -25.37
CA ASP B 57 3.38 21.34 -24.47
C ASP B 57 1.92 20.82 -24.51
N ASP B 58 1.70 19.63 -25.09
CA ASP B 58 0.37 19.00 -25.11
C ASP B 58 0.24 18.50 -23.66
N LYS B 59 -0.95 18.56 -23.09
CA LYS B 59 -1.20 18.14 -21.70
C LYS B 59 -2.38 17.17 -21.68
N ARG B 60 -2.37 16.17 -20.81
CA ARG B 60 -3.49 15.24 -20.73
C ARG B 60 -3.68 14.89 -19.24
N TYR B 61 -4.92 14.69 -18.85
CA TYR B 61 -5.25 14.44 -17.47
C TYR B 61 -6.18 13.26 -17.30
N SER B 62 -6.05 12.65 -16.14
CA SER B 62 -6.95 11.60 -15.74
C SER B 62 -8.36 12.23 -15.80
N PRO B 63 -9.32 11.57 -16.44
CA PRO B 63 -10.70 12.14 -16.50
C PRO B 63 -11.35 12.28 -15.11
N SER B 64 -11.10 11.33 -14.23
CA SER B 64 -11.62 11.39 -12.88
C SER B 64 -11.09 12.57 -12.04
N LEU B 65 -9.93 13.14 -12.40
CA LEU B 65 -9.37 14.22 -11.59
C LEU B 65 -9.18 15.52 -12.39
N ASN B 66 -9.58 15.46 -13.64
CA ASN B 66 -9.42 16.58 -14.54
C ASN B 66 -9.70 17.95 -13.93
N THR B 67 -10.85 18.11 -13.30
CA THR B 67 -11.19 19.41 -12.71
C THR B 67 -10.26 19.91 -11.60
N ARG B 68 -9.54 19.01 -10.94
CA ARG B 68 -8.68 19.46 -9.83
C ARG B 68 -7.17 19.52 -10.21
N LEU B 69 -6.80 19.05 -11.42
CA LEU B 69 -5.39 19.06 -11.79
C LEU B 69 -4.96 20.08 -12.82
N THR B 70 -3.76 20.62 -12.60
CA THR B 70 -3.15 21.49 -13.58
C THR B 70 -1.69 21.01 -13.71
N ILE B 71 -1.20 20.73 -14.91
CA ILE B 71 0.19 20.34 -14.99
C ILE B 71 0.86 21.40 -15.87
N THR B 72 2.08 21.76 -15.52
CA THR B 72 2.75 22.80 -16.29
C THR B 72 4.24 22.54 -16.35
N LYS B 73 4.96 23.12 -17.29
CA LYS B 73 6.38 22.87 -17.26
C LYS B 73 7.21 24.11 -17.22
N ASP B 74 8.42 24.02 -16.71
CA ASP B 74 9.31 25.18 -16.73
C ASP B 74 10.61 24.61 -17.32
N THR B 75 10.68 24.69 -18.64
CA THR B 75 11.74 24.12 -19.43
C THR B 75 13.11 24.57 -19.04
N SER B 76 13.25 25.86 -18.77
CA SER B 76 14.55 26.41 -18.41
C SER B 76 14.98 26.00 -17.02
N LYS B 77 14.04 25.63 -16.13
CA LYS B 77 14.44 25.17 -14.79
C LYS B 77 14.44 23.63 -14.69
N ASN B 78 14.11 22.96 -15.80
CA ASN B 78 14.00 21.49 -15.79
C ASN B 78 13.05 21.03 -14.70
N GLN B 79 11.86 21.61 -14.68
CA GLN B 79 10.88 21.19 -13.70
C GLN B 79 9.50 21.09 -14.33
N VAL B 80 8.70 20.21 -13.72
CA VAL B 80 7.30 20.01 -14.13
C VAL B 80 6.56 20.12 -12.85
N VAL B 81 5.49 20.91 -12.86
CA VAL B 81 4.70 21.13 -11.68
C VAL B 81 3.29 20.60 -11.89
N LEU B 82 2.76 19.96 -10.86
CA LEU B 82 1.41 19.45 -10.87
C LEU B 82 0.73 20.11 -9.67
N VAL B 83 -0.38 20.77 -9.95
CA VAL B 83 -1.17 21.43 -8.93
C VAL B 83 -2.52 20.73 -8.79
N MET B 84 -2.82 20.27 -7.58
CA MET B 84 -4.07 19.61 -7.32
C MET B 84 -4.87 20.48 -6.32
N THR B 85 -6.08 20.85 -6.68
CA THR B 85 -6.87 21.71 -5.82
C THR B 85 -7.83 20.91 -5.03
N ARG B 86 -8.38 21.55 -3.99
CA ARG B 86 -9.42 20.93 -3.18
C ARG B 86 -9.11 19.48 -2.76
N VAL B 87 -7.97 19.28 -2.13
CA VAL B 87 -7.68 17.91 -1.74
C VAL B 87 -8.53 17.45 -0.61
N SER B 88 -8.67 16.14 -0.50
CA SER B 88 -9.42 15.54 0.58
C SER B 88 -8.56 14.36 1.08
N PRO B 89 -8.96 13.72 2.20
CA PRO B 89 -8.16 12.60 2.72
C PRO B 89 -7.81 11.47 1.73
N VAL B 90 -8.73 11.13 0.81
CA VAL B 90 -8.45 10.07 -0.17
C VAL B 90 -7.28 10.42 -1.11
N ASP B 91 -6.84 11.67 -1.10
CA ASP B 91 -5.71 12.05 -1.91
C ASP B 91 -4.39 11.71 -1.17
N THR B 92 -4.45 11.10 0.02
CA THR B 92 -3.17 10.80 0.65
C THR B 92 -2.56 9.64 -0.15
N ALA B 93 -1.32 9.82 -0.57
CA ALA B 93 -0.68 8.81 -1.41
C ALA B 93 0.77 9.19 -1.59
N THR B 94 1.54 8.27 -2.15
CA THR B 94 2.90 8.60 -2.53
C THR B 94 2.73 9.03 -4.02
N TYR B 95 3.29 10.19 -4.35
CA TYR B 95 3.20 10.78 -5.69
C TYR B 95 4.54 10.64 -6.41
N PHE B 96 4.56 10.05 -7.62
CA PHE B 96 5.78 9.88 -8.41
C PHE B 96 5.71 10.66 -9.73
N CYS B 97 6.81 11.24 -10.17
CA CYS B 97 6.83 11.82 -11.52
C CYS B 97 7.71 10.84 -12.32
N ALA B 98 7.58 10.82 -13.63
CA ALA B 98 8.34 9.86 -14.40
C ALA B 98 8.56 10.38 -15.85
N HIS B 99 9.66 9.91 -16.43
CA HIS B 99 10.07 10.22 -17.75
C HIS B 99 9.46 9.27 -18.73
N ARG B 100 9.10 9.83 -19.88
CA ARG B 100 8.58 9.07 -21.00
C ARG B 100 9.44 9.45 -22.22
N ARG B 101 10.05 8.47 -22.84
CA ARG B 101 10.87 8.71 -24.01
C ARG B 101 10.04 9.19 -25.18
N GLY B 102 10.68 9.93 -26.09
CA GLY B 102 10.01 10.35 -27.31
C GLY B 102 10.48 9.34 -28.40
N PRO B 103 9.94 9.33 -29.63
CA PRO B 103 10.42 8.36 -30.63
C PRO B 103 11.91 8.45 -30.94
N THR B 104 12.52 7.33 -31.26
CA THR B 104 13.92 7.38 -31.64
C THR B 104 13.97 8.08 -33.01
N THR B 105 15.03 8.88 -33.20
CA THR B 105 15.23 9.59 -34.45
C THR B 105 16.58 9.18 -35.11
N LEU B 106 16.64 9.30 -36.43
CA LEU B 106 17.87 8.97 -37.14
C LEU B 106 18.03 10.19 -38.01
N PHE B 107 19.15 10.90 -37.80
CA PHE B 107 19.43 12.14 -38.52
C PHE B 107 18.14 12.98 -38.39
N GLY B 108 17.67 13.11 -37.14
CA GLY B 108 16.48 13.91 -36.89
C GLY B 108 15.26 13.49 -37.69
N VAL B 109 15.09 12.18 -37.81
CA VAL B 109 13.91 11.67 -38.48
C VAL B 109 13.36 10.57 -37.57
N PRO B 110 12.11 10.70 -37.16
CA PRO B 110 11.48 9.70 -36.29
C PRO B 110 11.38 8.38 -37.05
N ILE B 111 11.95 7.32 -36.47
CA ILE B 111 11.95 6.00 -37.10
C ILE B 111 11.43 4.88 -36.20
N ALA B 112 11.37 5.12 -34.89
CA ALA B 112 10.85 4.09 -33.98
C ALA B 112 9.98 4.67 -32.87
N ARG B 113 8.73 4.24 -32.81
CA ARG B 113 7.86 4.73 -31.74
C ARG B 113 7.74 3.73 -30.57
N GLY B 114 8.24 2.51 -30.73
CA GLY B 114 8.18 1.55 -29.66
C GLY B 114 8.75 2.11 -28.34
N PRO B 115 9.83 2.89 -28.33
CA PRO B 115 10.31 3.38 -27.03
C PRO B 115 9.38 4.30 -26.23
N VAL B 116 8.33 4.84 -26.84
CA VAL B 116 7.43 5.68 -26.06
C VAL B 116 6.47 4.86 -25.27
N ASN B 117 6.42 3.55 -25.50
CA ASN B 117 5.44 2.77 -24.76
C ASN B 117 5.88 2.24 -23.39
N ALA B 118 6.11 3.18 -22.47
CA ALA B 118 6.49 2.89 -21.08
C ALA B 118 6.87 4.22 -20.43
N MET B 119 6.89 4.27 -19.09
CA MET B 119 7.44 5.43 -18.40
C MET B 119 8.73 4.73 -17.91
N ASP B 120 9.87 5.10 -18.51
CA ASP B 120 11.16 4.41 -18.27
C ASP B 120 12.01 4.73 -17.04
N VAL B 121 11.87 5.95 -16.49
CA VAL B 121 12.63 6.32 -15.29
C VAL B 121 11.69 7.05 -14.35
N TRP B 122 11.74 6.64 -13.10
CA TRP B 122 10.88 7.18 -12.06
C TRP B 122 11.59 7.91 -10.95
N GLY B 123 10.91 8.83 -10.29
CA GLY B 123 11.53 9.50 -9.16
C GLY B 123 11.26 8.59 -7.94
N GLN B 124 11.97 8.81 -6.85
CA GLN B 124 11.76 8.01 -5.62
C GLN B 124 10.31 8.11 -5.10
N GLY B 125 9.61 9.22 -5.33
CA GLY B 125 8.25 9.34 -4.84
C GLY B 125 8.21 10.22 -3.60
N ILE B 126 7.15 10.99 -3.46
CA ILE B 126 7.02 11.82 -2.29
C ILE B 126 5.69 11.49 -1.60
N THR B 127 5.78 11.22 -0.32
CA THR B 127 4.61 10.85 0.49
C THR B 127 3.86 12.07 0.94
N VAL B 128 2.58 12.12 0.61
CA VAL B 128 1.73 13.25 1.00
C VAL B 128 0.52 12.75 1.82
N THR B 129 0.34 13.35 2.98
CA THR B 129 -0.75 12.99 3.87
C THR B 129 -1.77 14.13 3.94
N ILE B 130 -3.03 13.82 3.71
CA ILE B 130 -4.04 14.86 3.79
C ILE B 130 -4.90 14.64 5.03
N SER B 131 -4.75 15.57 5.98
CA SER B 131 -5.47 15.51 7.25
C SER B 131 -5.57 16.91 7.85
N SER B 132 -6.69 17.17 8.51
CA SER B 132 -6.86 18.48 9.15
C SER B 132 -6.25 18.43 10.54
N THR B 133 -5.70 17.29 10.89
CA THR B 133 -5.14 17.16 12.24
C THR B 133 -3.90 17.98 12.61
N SER B 134 -3.83 18.33 13.90
CA SER B 134 -2.64 19.01 14.43
C SER B 134 -1.81 17.91 15.09
N THR B 135 -0.52 18.18 15.28
CA THR B 135 0.33 17.23 15.96
C THR B 135 -0.35 16.75 17.26
N LYS B 136 -0.29 15.46 17.54
CA LYS B 136 -0.91 14.91 18.75
C LYS B 136 -0.35 13.54 19.18
N GLY B 137 -0.05 13.41 20.47
CA GLY B 137 0.48 12.15 20.98
C GLY B 137 -0.58 11.07 21.16
N PRO B 138 -0.19 9.78 21.05
CA PRO B 138 -1.09 8.64 21.18
C PRO B 138 -1.53 8.34 22.61
N SER B 139 -2.68 7.68 22.73
CA SER B 139 -3.18 7.19 24.00
C SER B 139 -2.73 5.73 23.87
N VAL B 140 -2.21 5.12 24.92
CA VAL B 140 -1.81 3.75 24.78
C VAL B 140 -2.65 2.85 25.65
N PHE B 141 -3.29 1.85 25.06
CA PHE B 141 -4.14 0.98 25.86
C PHE B 141 -3.65 -0.43 25.78
N PRO B 142 -3.95 -1.23 26.83
CA PRO B 142 -3.50 -2.65 26.85
C PRO B 142 -4.37 -3.54 26.01
N LEU B 143 -3.78 -4.57 25.45
CA LEU B 143 -4.51 -5.58 24.68
C LEU B 143 -4.16 -6.86 25.50
N ALA B 144 -5.12 -7.36 26.26
CA ALA B 144 -4.85 -8.56 27.06
C ALA B 144 -5.78 -9.71 26.77
N PRO B 145 -5.22 -10.94 26.81
CA PRO B 145 -5.90 -12.24 26.56
C PRO B 145 -7.24 -12.48 27.34
N GLY B 152 1.47 -24.12 19.63
CA GLY B 152 0.08 -23.86 19.20
C GLY B 152 -0.75 -23.16 20.27
N ALA B 153 -0.46 -23.53 21.52
CA ALA B 153 -1.07 -23.01 22.77
C ALA B 153 -0.29 -21.74 23.16
N ALA B 154 -0.28 -20.84 22.19
CA ALA B 154 0.37 -19.56 22.30
C ALA B 154 -0.66 -18.61 22.89
N ALA B 155 -0.18 -17.60 23.60
CA ALA B 155 -1.06 -16.58 24.18
C ALA B 155 -0.65 -15.27 23.50
N ALA B 156 -1.57 -14.30 23.42
CA ALA B 156 -1.22 -13.04 22.77
C ALA B 156 -1.54 -11.82 23.58
N LEU B 157 -0.71 -10.81 23.47
CA LEU B 157 -1.07 -9.57 24.16
C LEU B 157 -0.45 -8.42 23.39
N GLY B 158 -0.81 -7.21 23.73
CA GLY B 158 -0.23 -6.11 22.99
C GLY B 158 -0.62 -4.75 23.54
N CYS B 159 -0.40 -3.76 22.69
CA CYS B 159 -0.72 -2.37 23.01
C CYS B 159 -1.36 -1.76 21.74
N LEU B 160 -2.35 -0.92 21.98
CA LEU B 160 -3.14 -0.25 20.94
C LEU B 160 -2.70 1.16 21.09
N VAL B 161 -1.99 1.65 20.07
CA VAL B 161 -1.45 2.99 20.09
C VAL B 161 -2.45 3.84 19.31
N LYS B 162 -3.33 4.51 20.04
CA LYS B 162 -4.42 5.23 19.42
C LYS B 162 -4.46 6.75 19.33
N ASP B 163 -4.93 7.24 18.19
CA ASP B 163 -5.13 8.68 17.98
C ASP B 163 -3.93 9.59 18.02
N TYR B 164 -2.97 9.35 17.14
CA TYR B 164 -1.83 10.20 17.15
C TYR B 164 -1.62 10.76 15.75
N PHE B 165 -0.82 11.82 15.65
CA PHE B 165 -0.50 12.46 14.38
C PHE B 165 0.73 13.35 14.53
N PRO B 166 1.62 13.34 13.52
CA PRO B 166 1.53 12.54 12.29
C PRO B 166 2.32 11.27 12.50
N GLU B 167 2.57 10.52 11.44
CA GLU B 167 3.45 9.34 11.53
C GLU B 167 4.86 9.93 11.73
N PRO B 168 5.80 9.15 12.25
CA PRO B 168 5.65 7.77 12.67
C PRO B 168 5.65 7.66 14.16
N VAL B 169 5.48 6.43 14.64
CA VAL B 169 5.60 6.17 16.06
C VAL B 169 6.52 4.92 16.14
N THR B 170 7.29 4.77 17.23
CA THR B 170 8.10 3.56 17.36
C THR B 170 7.62 2.76 18.57
N VAL B 171 7.60 1.44 18.43
CA VAL B 171 7.18 0.59 19.51
C VAL B 171 8.18 -0.55 19.65
N SER B 172 8.57 -0.85 20.88
CA SER B 172 9.44 -1.99 21.10
C SER B 172 8.82 -2.69 22.33
N TRP B 173 9.28 -3.90 22.64
CA TRP B 173 8.83 -4.64 23.80
C TRP B 173 10.04 -4.87 24.75
N ASN B 174 9.78 -4.76 26.05
CA ASN B 174 10.80 -4.90 27.09
C ASN B 174 12.08 -4.19 26.73
N SER B 175 11.95 -2.90 26.50
CA SER B 175 13.06 -2.03 26.18
C SER B 175 13.95 -2.53 25.06
N GLY B 176 13.40 -3.38 24.19
CA GLY B 176 14.18 -3.91 23.09
C GLY B 176 14.62 -5.34 23.24
N ALA B 177 14.39 -5.94 24.39
CA ALA B 177 14.81 -7.33 24.64
C ALA B 177 13.85 -8.37 24.13
N LEU B 178 12.60 -7.96 23.89
CA LEU B 178 11.63 -8.90 23.39
C LEU B 178 11.46 -8.60 21.91
N THR B 179 11.79 -9.60 21.09
CA THR B 179 11.68 -9.48 19.63
C THR B 179 10.97 -10.68 19.00
N SER B 180 11.20 -11.88 19.51
CA SER B 180 10.55 -12.99 18.84
C SER B 180 9.06 -12.98 19.12
N GLY B 181 8.26 -13.17 18.06
CA GLY B 181 6.81 -13.18 18.22
C GLY B 181 6.19 -11.79 18.24
N VAL B 182 6.98 -10.76 17.99
CA VAL B 182 6.46 -9.41 17.99
C VAL B 182 5.96 -9.02 16.59
N HIS B 183 4.76 -8.44 16.50
CA HIS B 183 4.25 -7.95 15.24
C HIS B 183 3.70 -6.54 15.48
N THR B 184 4.34 -5.57 14.87
CA THR B 184 3.87 -4.19 14.98
C THR B 184 3.24 -3.89 13.60
N PHE B 185 1.93 -3.72 13.56
CA PHE B 185 1.24 -3.46 12.31
C PHE B 185 1.35 -2.05 11.78
N PRO B 186 1.19 -1.88 10.46
CA PRO B 186 1.25 -0.53 9.90
C PRO B 186 -0.01 0.17 10.43
N ALA B 187 0.13 1.44 10.71
CA ALA B 187 -0.96 2.30 11.22
C ALA B 187 -2.00 2.52 10.11
N VAL B 188 -3.23 2.76 10.53
CA VAL B 188 -4.31 3.08 9.61
C VAL B 188 -4.64 4.55 9.94
N LEU B 189 -5.04 5.31 8.93
CA LEU B 189 -5.39 6.71 9.08
C LEU B 189 -6.88 6.63 9.27
N GLN B 190 -7.38 6.99 10.46
CA GLN B 190 -8.80 6.94 10.76
C GLN B 190 -9.56 8.09 10.11
N SER B 191 -10.87 7.96 10.00
CA SER B 191 -11.64 9.01 9.37
C SER B 191 -11.50 10.29 10.14
N SER B 192 -11.10 10.20 11.42
CA SER B 192 -10.91 11.40 12.22
C SER B 192 -9.66 12.17 11.75
N GLY B 193 -8.75 11.52 11.02
CA GLY B 193 -7.51 12.20 10.58
C GLY B 193 -6.30 11.89 11.48
N LEU B 194 -6.51 10.96 12.41
CA LEU B 194 -5.49 10.56 13.35
C LEU B 194 -5.13 9.11 13.04
N TYR B 195 -3.90 8.74 13.33
CA TYR B 195 -3.52 7.38 13.03
C TYR B 195 -3.81 6.46 14.24
N SER B 196 -3.75 5.16 13.98
CA SER B 196 -3.91 4.21 15.05
C SER B 196 -3.25 2.93 14.63
N LEU B 197 -2.57 2.29 15.58
CA LEU B 197 -1.88 1.05 15.32
C LEU B 197 -1.84 0.10 16.52
N SER B 198 -1.67 -1.16 16.22
CA SER B 198 -1.56 -2.13 17.30
C SER B 198 -0.18 -2.73 17.15
N SER B 199 0.35 -3.23 18.24
CA SER B 199 1.62 -3.95 18.30
C SER B 199 1.32 -5.13 19.20
N VAL B 200 1.51 -6.36 18.74
CA VAL B 200 1.20 -7.46 19.62
C VAL B 200 2.42 -8.37 19.74
N VAL B 201 2.34 -9.31 20.67
CA VAL B 201 3.40 -10.29 20.83
C VAL B 201 2.80 -11.60 21.31
N THR B 202 3.25 -12.69 20.72
CA THR B 202 2.78 -14.05 21.03
C THR B 202 3.89 -14.74 21.85
N VAL B 203 3.49 -15.44 22.92
CA VAL B 203 4.45 -16.14 23.76
C VAL B 203 3.87 -17.46 24.20
N PRO B 204 4.75 -18.40 24.67
CA PRO B 204 4.25 -19.72 25.13
C PRO B 204 3.27 -19.43 26.26
N SER B 205 2.08 -20.04 26.18
CA SER B 205 1.05 -19.78 27.19
C SER B 205 1.49 -19.91 28.64
N SER B 206 2.76 -20.21 28.83
CA SER B 206 3.33 -20.36 30.16
C SER B 206 4.08 -19.09 30.59
N SER B 207 4.74 -18.43 29.63
CA SER B 207 5.54 -17.25 29.96
C SER B 207 4.76 -16.20 30.73
N LEU B 208 3.44 -16.20 30.56
CA LEU B 208 2.61 -15.25 31.27
C LEU B 208 2.87 -15.21 32.77
N GLN B 211 7.50 -14.30 33.49
CA GLN B 211 7.95 -13.20 32.60
C GLN B 211 7.02 -11.93 32.45
N THR B 212 7.56 -10.70 32.44
CA THR B 212 6.67 -9.51 32.28
C THR B 212 6.78 -8.88 30.88
N TYR B 213 5.69 -8.21 30.46
CA TYR B 213 5.62 -7.60 29.12
C TYR B 213 5.27 -6.11 29.12
N THR B 214 6.18 -5.30 28.65
CA THR B 214 5.90 -3.90 28.63
C THR B 214 6.18 -3.31 27.23
N CYS B 215 5.24 -2.58 26.64
CA CYS B 215 5.50 -2.00 25.31
C CYS B 215 6.06 -0.62 25.54
N ASN B 216 7.11 -0.24 24.80
CA ASN B 216 7.70 1.10 24.91
C ASN B 216 7.29 1.81 23.65
N VAL B 217 6.48 2.85 23.81
CA VAL B 217 5.92 3.62 22.69
C VAL B 217 6.54 4.99 22.64
N ASN B 218 6.90 5.46 21.46
CA ASN B 218 7.52 6.78 21.39
C ASN B 218 7.07 7.51 20.13
N HIS B 219 6.40 8.65 20.31
CA HIS B 219 5.95 9.45 19.16
C HIS B 219 6.80 10.74 19.19
N LYS B 220 7.93 10.74 18.47
CA LYS B 220 8.83 11.90 18.47
C LYS B 220 8.15 13.22 18.21
N PRO B 221 7.32 13.29 17.15
CA PRO B 221 6.62 14.52 16.80
C PRO B 221 5.99 15.29 17.94
N SER B 222 5.38 14.59 18.90
CA SER B 222 4.72 15.25 20.04
C SER B 222 5.46 15.13 21.38
N ASN B 223 6.67 14.56 21.36
CA ASN B 223 7.44 14.35 22.58
C ASN B 223 6.58 13.56 23.53
N THR B 224 6.17 12.35 23.12
CA THR B 224 5.35 11.51 23.97
C THR B 224 5.94 10.14 24.12
N LYS B 225 6.55 9.82 25.26
CA LYS B 225 7.07 8.46 25.47
C LYS B 225 6.18 7.80 26.52
N VAL B 226 5.87 6.53 26.33
CA VAL B 226 5.01 5.85 27.25
C VAL B 226 5.51 4.41 27.36
N ASP B 227 5.53 3.87 28.58
CA ASP B 227 5.89 2.45 28.73
C ASP B 227 4.62 1.92 29.37
N LYS B 228 4.04 0.86 28.80
CA LYS B 228 2.83 0.29 29.35
C LYS B 228 3.00 -1.19 29.56
N ARG B 229 2.97 -1.60 30.82
CA ARG B 229 3.12 -3.00 31.16
C ARG B 229 1.73 -3.61 30.99
N VAL B 230 1.68 -4.74 30.32
CA VAL B 230 0.44 -5.39 30.01
C VAL B 230 0.39 -6.77 30.67
N GLU B 231 -0.66 -7.09 31.37
CA GLU B 231 -0.71 -8.45 31.93
C GLU B 231 -2.07 -9.08 31.76
N PRO B 232 -2.15 -10.39 32.03
CA PRO B 232 -3.41 -11.15 31.93
C PRO B 232 -4.50 -10.78 32.95
N LYS B 233 -5.02 -9.55 32.86
CA LYS B 233 -6.08 -8.98 33.74
C LYS B 233 -6.46 -9.73 35.05
N SER B 234 -7.76 -9.81 35.37
CA SER B 234 -8.25 -10.53 36.57
C SER B 234 -7.49 -10.21 37.89
N CYS B 235 -7.11 -8.93 38.13
CA CYS B 235 -6.35 -8.37 39.33
C CYS B 235 -4.84 -8.79 39.44
N GLU C 1 -9.52 9.11 -25.53
CA GLU C 1 -9.03 9.40 -26.91
C GLU C 1 -7.68 8.72 -27.06
N LEU C 2 -7.05 8.89 -28.21
CA LEU C 2 -5.77 8.22 -28.47
C LEU C 2 -4.52 8.88 -27.88
N ASP C 3 -3.54 8.04 -27.59
CA ASP C 3 -2.29 8.51 -27.03
C ASP C 3 -1.62 9.44 -28.06
N HIS C 4 -0.71 10.26 -27.58
CA HIS C 4 0.07 11.21 -28.37
C HIS C 4 0.77 10.51 -29.55
N TRP C 5 1.16 9.23 -29.39
CA TRP C 5 1.88 8.56 -30.48
C TRP C 5 1.11 7.49 -31.26
N ALA C 6 -0.19 7.39 -31.02
CA ALA C 6 -1.03 6.38 -31.68
C ALA C 6 -1.35 6.72 -33.14
N SER C 7 -1.76 5.68 -33.88
CA SER C 7 -2.16 5.75 -35.29
C SER C 7 -1.00 5.65 -36.28
#